data_2ZO3
#
_entry.id   2ZO3
#
_cell.length_a   69.95
_cell.length_b   71.64
_cell.length_c   71.91
_cell.angle_alpha   90.00
_cell.angle_beta   100.1
_cell.angle_gamma   90.00
#
_symmetry.space_group_name_H-M   'C 1 2 1'
#
loop_
_entity.id
_entity.type
_entity.pdbx_description
1 polymer 'Thrombin light chain'
2 polymer 'Thrombin heavy chain'
3 polymer 'Hirudin variant-1'
4 non-polymer beta-phenyl-D-phenylalanyl-N-(4-carbamimidoylbenzyl)-L-prolinamide
5 non-polymer 'SODIUM ION'
6 water water
#
loop_
_entity_poly.entity_id
_entity_poly.type
_entity_poly.pdbx_seq_one_letter_code
_entity_poly.pdbx_strand_id
1 'polypeptide(L)' TFGSGEADCGLRPLFEKKSLEDKTERELLESYIDGR L
2 'polypeptide(L)'
;IVEGSDAEIGMSPWQVMLFRKSPQELLCGASLISDRWVLTAAHCLLYPPWDKNFTENDLLVRIGKHSRTRYERNIEKISM
LEKIYIHPRYNWRENLDRDIALMKLKKPVAFSDYIHPVCLPDRETAASLLQAGYKGRVTGWGNLKETWTANVGKGQPSVL
QVVNLPIVERPVCKDSTRIRITDNMFCAGYKPDEGKRGDACEGDSGGPFVMKSPFNNRWYQMGIVSWGEGCDRDGKYGFY
THVFRLKKWIQKVIDQFGE
;
H
3 'polypeptide(L)' GDFEEIPEE(TYS)L I
#
loop_
_chem_comp.id
_chem_comp.type
_chem_comp.name
_chem_comp.formula
33U peptide-like beta-phenyl-D-phenylalanyl-N-(4-carbamimidoylbenzyl)-L-prolinamide 'C28 H31 N5 O2'
NA non-polymer 'SODIUM ION' 'Na 1'
#
# COMPACT_ATOMS: atom_id res chain seq x y z
N ALA A 7 18.21 6.94 -1.63
CA ALA A 7 19.04 7.91 -0.90
C ALA A 7 18.23 8.70 0.10
N ASP A 8 17.16 9.38 -0.35
CA ASP A 8 16.33 10.14 0.58
C ASP A 8 14.98 9.48 0.85
N CYS A 9 14.92 8.20 0.43
CA CYS A 9 13.65 7.48 0.59
C CYS A 9 13.17 7.46 2.03
N GLY A 10 11.87 7.41 2.27
CA GLY A 10 11.30 7.12 3.56
C GLY A 10 11.44 8.25 4.56
N LEU A 11 11.91 9.42 4.14
CA LEU A 11 12.01 10.57 5.02
C LEU A 11 10.98 11.61 4.58
N ARG A 12 9.95 11.87 5.35
CA ARG A 12 8.84 12.69 4.84
C ARG A 12 9.15 14.16 4.97
N PRO A 13 8.96 14.95 3.93
CA PRO A 13 9.17 16.41 4.05
C PRO A 13 8.43 17.08 5.19
N LEU A 14 7.19 16.67 5.46
CA LEU A 14 6.43 17.43 6.46
C LEU A 14 6.62 16.84 7.85
N PHE A 15 7.44 15.78 7.97
CA PHE A 15 7.65 15.13 9.25
C PHE A 15 9.13 14.88 9.53
N GLU A 16 9.73 13.74 9.13
CA GLU A 16 11.13 13.54 9.48
C GLU A 16 12.05 14.68 9.08
N LYS A 17 11.84 15.27 7.90
CA LYS A 17 12.77 16.32 7.44
C LYS A 17 12.72 17.58 8.29
N LYS A 18 11.62 17.82 8.97
CA LYS A 18 11.37 18.92 9.88
C LYS A 18 11.44 18.50 11.34
N SER A 19 11.78 17.23 11.59
CA SER A 19 11.74 16.68 12.94
C SER A 19 10.39 16.91 13.59
N LEU A 20 9.31 16.68 12.84
CA LEU A 20 8.00 16.64 13.47
C LEU A 20 7.54 15.18 13.42
N GLU A 21 6.81 14.79 14.45
CA GLU A 21 6.23 13.45 14.53
C GLU A 21 4.76 13.49 14.21
N ASP A 22 4.31 12.44 13.50
CA ASP A 22 2.85 12.38 13.26
C ASP A 22 2.17 11.87 14.53
N LYS A 23 0.85 11.94 14.56
CA LYS A 23 0.11 11.62 15.77
C LYS A 23 0.22 10.17 16.23
N THR A 24 0.54 9.19 15.39
CA THR A 24 0.52 7.85 15.96
C THR A 24 1.81 7.08 15.66
N GLU A 25 2.83 7.71 15.09
CA GLU A 25 4.03 6.91 14.80
C GLU A 25 4.63 6.34 16.07
N ARG A 26 4.43 7.01 17.21
CA ARG A 26 5.09 6.42 18.39
C ARG A 26 4.49 5.06 18.77
N GLU A 27 3.22 4.80 18.49
CA GLU A 27 2.61 3.49 18.67
C GLU A 27 3.42 2.39 17.97
N LEU A 28 3.90 2.72 16.76
CA LEU A 28 4.79 1.81 16.03
C LEU A 28 6.08 1.62 16.80
N LEU A 29 6.75 2.72 17.18
CA LEU A 29 8.02 2.60 17.89
C LEU A 29 7.88 1.74 19.14
N GLU A 30 6.79 2.01 19.86
CA GLU A 30 6.66 1.30 21.15
C GLU A 30 6.47 -0.20 20.99
N SER A 31 6.00 -0.63 19.82
CA SER A 31 5.89 -2.08 19.61
C SER A 31 7.17 -2.74 19.14
N TYR A 32 8.20 -1.97 18.83
CA TYR A 32 9.47 -2.59 18.39
C TYR A 32 10.30 -2.83 19.64
N ILE A 33 9.89 -3.86 20.38
CA ILE A 33 10.35 -4.05 21.75
C ILE A 33 11.66 -4.81 21.80
N ILE B 1 -10.18 1.30 4.34
CA ILE B 1 -9.77 1.09 5.71
C ILE B 1 -10.90 1.16 6.72
N VAL B 2 -11.10 0.08 7.49
CA VAL B 2 -12.15 0.18 8.51
C VAL B 2 -11.51 0.34 9.89
N GLU B 3 -12.16 1.20 10.67
CA GLU B 3 -11.78 1.52 12.05
C GLU B 3 -10.42 2.22 12.06
N GLY B 4 -10.13 2.97 11.00
CA GLY B 4 -8.94 3.78 10.92
C GLY B 4 -9.25 5.23 11.31
N SER B 5 -8.38 6.16 10.99
CA SER B 5 -8.61 7.60 11.13
C SER B 5 -8.14 8.34 9.90
N ASP B 6 -8.54 9.61 9.77
CA ASP B 6 -8.07 10.46 8.69
C ASP B 6 -6.54 10.60 8.76
N ALA B 7 -5.90 10.49 7.61
CA ALA B 7 -4.46 10.75 7.59
C ALA B 7 -4.16 12.22 7.88
N GLU B 8 -2.99 12.51 8.44
CA GLU B 8 -2.51 13.91 8.47
C GLU B 8 -1.98 14.33 7.12
N ILE B 9 -1.91 15.61 6.79
CA ILE B 9 -1.37 16.02 5.50
C ILE B 9 0.09 15.62 5.35
N GLY B 10 0.50 15.04 4.22
CA GLY B 10 1.86 14.57 3.98
C GLY B 10 2.29 13.41 4.87
N MET B 11 1.36 12.76 5.55
CA MET B 11 1.73 11.62 6.40
C MET B 11 2.19 10.39 5.60
N SER B 12 1.73 10.26 4.38
CA SER B 12 2.06 9.11 3.54
CA SER B 12 2.09 9.11 3.56
C SER B 12 2.35 9.57 2.12
N PRO B 13 3.41 10.31 1.92
CA PRO B 13 3.64 10.97 0.63
C PRO B 13 4.05 10.05 -0.50
N TRP B 14 4.20 8.76 -0.19
CA TRP B 14 4.39 7.70 -1.17
C TRP B 14 3.05 7.06 -1.58
N GLN B 15 1.95 7.44 -0.95
CA GLN B 15 0.66 6.87 -1.36
C GLN B 15 0.32 7.25 -2.80
N VAL B 16 -0.12 6.21 -3.51
CA VAL B 16 -0.51 6.44 -4.91
C VAL B 16 -1.93 5.94 -5.09
N MET B 17 -2.76 6.66 -5.85
CA MET B 17 -4.10 6.15 -6.17
C MET B 17 -4.07 5.63 -7.61
N LEU B 18 -4.48 4.41 -7.86
CA LEU B 18 -4.67 3.89 -9.20
C LEU B 18 -6.12 4.24 -9.59
N PHE B 19 -6.22 4.93 -10.73
CA PHE B 19 -7.47 5.59 -11.09
C PHE B 19 -7.90 5.16 -12.49
N ARG B 20 -9.12 4.64 -12.60
CA ARG B 20 -9.44 4.19 -13.98
C ARG B 20 -9.94 5.36 -14.82
N LYS B 21 -9.56 5.43 -16.09
CA LYS B 21 -9.95 6.55 -16.96
C LYS B 21 -11.44 6.61 -17.27
N SER B 22 -12.05 5.47 -17.58
CA SER B 22 -13.47 5.48 -17.95
C SER B 22 -14.16 4.19 -17.56
N PRO B 23 -15.10 4.21 -16.62
CA PRO B 23 -15.50 5.42 -15.88
C PRO B 23 -14.47 5.81 -14.83
N GLN B 24 -14.31 7.11 -14.63
CA GLN B 24 -13.40 7.70 -13.66
C GLN B 24 -13.71 7.16 -12.27
N GLU B 25 -12.94 6.18 -11.84
CA GLU B 25 -13.19 5.57 -10.55
C GLU B 25 -11.86 5.18 -9.90
N LEU B 26 -11.88 5.07 -8.59
CA LEU B 26 -10.77 4.46 -7.85
C LEU B 26 -10.64 3.01 -8.30
N LEU B 27 -9.42 2.59 -8.58
CA LEU B 27 -9.14 1.20 -8.89
C LEU B 27 -8.50 0.51 -7.72
N CYS B 28 -7.42 1.15 -7.26
CA CYS B 28 -6.60 0.53 -6.23
C CYS B 28 -5.68 1.58 -5.59
N GLY B 29 -5.02 1.12 -4.55
CA GLY B 29 -3.90 1.81 -3.91
C GLY B 29 -2.62 1.37 -4.60
N ALA B 30 -1.55 2.06 -4.30
CA ALA B 30 -0.24 1.77 -4.84
C ALA B 30 0.79 2.60 -4.05
N SER B 31 2.06 2.47 -4.41
CA SER B 31 3.05 3.27 -3.67
C SER B 31 4.18 3.70 -4.59
N LEU B 32 4.75 4.87 -4.27
CA LEU B 32 5.84 5.44 -5.01
C LEU B 32 7.18 4.98 -4.48
N ILE B 33 7.96 4.31 -5.35
CA ILE B 33 9.23 3.78 -4.85
C ILE B 33 10.42 4.49 -5.47
N SER B 34 10.20 5.36 -6.44
CA SER B 34 11.29 6.20 -6.98
C SER B 34 10.62 7.23 -7.87
N ASP B 35 11.35 8.07 -8.62
CA ASP B 35 10.57 9.07 -9.35
C ASP B 35 9.85 8.47 -10.54
N ARG B 36 10.15 7.22 -10.91
CA ARG B 36 9.38 6.71 -12.05
C ARG B 36 8.80 5.32 -11.82
N TRP B 37 8.86 4.77 -10.62
CA TRP B 37 8.32 3.42 -10.43
C TRP B 37 7.31 3.39 -9.27
N VAL B 38 6.22 2.69 -9.53
CA VAL B 38 5.09 2.58 -8.61
C VAL B 38 4.88 1.08 -8.38
N LEU B 39 4.64 0.74 -7.13
CA LEU B 39 4.48 -0.67 -6.72
C LEU B 39 3.02 -0.89 -6.36
N THR B 40 2.42 -2.03 -6.73
CA THR B 40 1.02 -2.26 -6.37
C THR B 40 0.78 -3.78 -6.28
N ALA B 41 -0.47 -4.16 -6.10
CA ALA B 41 -0.76 -5.61 -6.10
C ALA B 41 -1.07 -6.08 -7.51
N ALA B 42 -0.62 -7.29 -7.86
CA ALA B 42 -0.95 -7.77 -9.21
C ALA B 42 -2.44 -7.89 -9.42
N HIS B 43 -3.21 -8.30 -8.40
CA HIS B 43 -4.62 -8.50 -8.66
C HIS B 43 -5.35 -7.20 -9.03
N CYS B 44 -4.70 -6.06 -8.77
CA CYS B 44 -5.30 -4.77 -9.12
C CYS B 44 -5.35 -4.64 -10.64
N LEU B 45 -4.42 -5.31 -11.29
CA LEU B 45 -4.27 -5.21 -12.74
C LEU B 45 -4.72 -6.49 -13.46
N LEU B 46 -4.55 -7.65 -12.84
CA LEU B 46 -4.90 -8.90 -13.52
C LEU B 46 -5.61 -9.84 -12.56
N TYR B 47 -6.90 -10.11 -12.78
CA TYR B 47 -7.67 -11.04 -11.99
C TYR B 47 -8.79 -11.65 -12.85
N PRO B 48 -8.39 -12.64 -13.66
CA PRO B 48 -9.35 -13.27 -14.59
C PRO B 48 -10.64 -13.79 -14.02
N PRO B 49 -10.77 -14.33 -12.81
CA PRO B 49 -12.06 -14.75 -12.28
C PRO B 49 -13.10 -13.63 -12.30
N TRP B 50 -12.64 -12.38 -12.28
CA TRP B 50 -13.53 -11.22 -12.30
C TRP B 50 -13.42 -10.47 -13.61
N ASP B 51 -12.79 -11.13 -14.59
CA ASP B 51 -12.66 -10.49 -15.90
C ASP B 51 -11.84 -9.20 -15.79
N LYS B 52 -10.85 -9.21 -14.89
CA LYS B 52 -10.01 -8.02 -14.78
C LYS B 52 -8.67 -8.21 -15.47
N ASN B 53 -8.39 -7.34 -16.44
CA ASN B 53 -7.15 -7.36 -17.17
C ASN B 53 -6.80 -5.97 -17.69
N PHE B 54 -6.29 -5.08 -16.84
CA PHE B 54 -6.10 -3.71 -17.35
C PHE B 54 -4.80 -3.55 -18.14
N THR B 55 -4.81 -2.64 -19.13
CA THR B 55 -3.61 -2.27 -19.84
C THR B 55 -3.22 -0.82 -19.46
N GLU B 56 -1.97 -0.50 -19.76
CA GLU B 56 -1.36 0.78 -19.49
C GLU B 56 -2.33 1.91 -19.80
N ASN B 57 -2.83 1.87 -21.03
CA ASN B 57 -3.71 2.92 -21.51
C ASN B 57 -4.99 3.03 -20.72
N ASP B 58 -5.32 2.05 -19.85
CA ASP B 58 -6.62 2.17 -19.20
C ASP B 58 -6.59 2.99 -17.92
N LEU B 59 -5.39 3.32 -17.44
CA LEU B 59 -5.35 3.99 -16.14
C LEU B 59 -4.44 5.20 -16.07
N LEU B 60 -4.57 5.82 -14.91
CA LEU B 60 -3.69 6.92 -14.53
C LEU B 60 -3.19 6.62 -13.10
N VAL B 61 -2.04 7.21 -12.79
CA VAL B 61 -1.52 7.22 -11.42
C VAL B 61 -1.64 8.63 -10.84
N ARG B 62 -2.29 8.80 -9.69
CA ARG B 62 -2.45 10.09 -9.03
C ARG B 62 -1.65 10.10 -7.72
N ILE B 63 -0.66 10.99 -7.64
CA ILE B 63 0.29 11.00 -6.53
C ILE B 63 0.15 12.28 -5.74
N GLY B 64 0.31 12.23 -4.41
CA GLY B 64 0.25 13.45 -3.61
C GLY B 64 -1.14 13.73 -3.14
N LYS B 65 -2.01 12.69 -3.21
CA LYS B 65 -3.39 12.97 -2.87
C LYS B 65 -3.70 12.79 -1.38
N HIS B 66 -4.79 13.44 -1.01
CA HIS B 66 -5.40 13.38 0.30
C HIS B 66 -6.90 13.08 0.18
N SER B 67 -7.59 14.03 -0.44
CA SER B 67 -9.01 13.86 -0.70
C SER B 67 -9.17 12.70 -1.69
N ARG B 68 -10.18 11.85 -1.46
CA ARG B 68 -10.51 10.75 -2.35
C ARG B 68 -10.96 11.25 -3.72
N THR B 69 -12.05 12.03 -3.74
CA THR B 69 -12.70 12.32 -5.02
C THR B 69 -12.25 13.63 -5.66
N ARG B 70 -11.79 14.57 -4.84
CA ARG B 70 -11.45 15.90 -5.33
C ARG B 70 -10.25 15.91 -6.25
N TYR B 71 -10.24 16.82 -7.24
CA TYR B 71 -9.01 17.04 -7.99
C TYR B 71 -8.21 18.09 -7.20
N GLU B 72 -7.05 17.69 -6.70
CA GLU B 72 -6.27 18.49 -5.74
C GLU B 72 -5.25 19.34 -6.46
N ARG B 73 -5.85 20.41 -7.02
CA ARG B 73 -5.11 21.31 -7.87
C ARG B 73 -3.86 21.88 -7.20
N ASN B 74 -2.71 21.87 -7.84
CA ASN B 74 -1.47 22.43 -7.34
C ASN B 74 -0.85 21.52 -6.29
N ILE B 75 -1.44 20.33 -6.13
CA ILE B 75 -0.87 19.41 -5.13
C ILE B 75 -0.66 18.02 -5.70
N GLU B 76 -1.76 17.37 -6.11
CA GLU B 76 -1.59 16.03 -6.72
C GLU B 76 -0.94 16.20 -8.08
N LYS B 77 -0.26 15.15 -8.49
CA LYS B 77 0.30 14.99 -9.81
C LYS B 77 -0.30 13.72 -10.44
N ILE B 78 -0.63 13.81 -11.72
CA ILE B 78 -1.26 12.67 -12.41
C ILE B 78 -0.29 12.17 -13.47
N SER B 79 -0.06 10.86 -13.47
CA SER B 79 0.99 10.34 -14.34
C SER B 79 0.44 9.22 -15.23
N MET B 80 0.97 9.15 -16.45
CA MET B 80 0.47 8.10 -17.34
C MET B 80 1.41 6.91 -17.23
N LEU B 81 0.94 5.72 -17.60
CA LEU B 81 1.75 4.52 -17.52
C LEU B 81 2.49 4.21 -18.82
N GLU B 82 3.78 4.04 -18.71
CA GLU B 82 4.60 3.55 -19.81
C GLU B 82 4.51 2.03 -19.92
N LYS B 83 4.50 1.33 -18.77
CA LYS B 83 4.48 -0.13 -18.87
C LYS B 83 4.15 -0.80 -17.54
N ILE B 84 3.34 -1.84 -17.57
CA ILE B 84 3.02 -2.69 -16.42
C ILE B 84 3.90 -3.92 -16.39
N TYR B 85 4.38 -4.37 -15.24
CA TYR B 85 5.14 -5.59 -15.04
C TYR B 85 4.47 -6.39 -13.92
N ILE B 86 3.93 -7.56 -14.28
CA ILE B 86 3.34 -8.40 -13.22
C ILE B 86 4.28 -9.54 -12.92
N HIS B 87 4.36 -9.98 -11.65
CA HIS B 87 5.21 -11.11 -11.31
C HIS B 87 4.85 -12.31 -12.19
N PRO B 88 5.83 -12.92 -12.83
CA PRO B 88 5.56 -14.04 -13.73
C PRO B 88 5.00 -15.26 -13.00
N ARG B 89 5.13 -15.36 -11.68
CA ARG B 89 4.58 -16.51 -10.95
C ARG B 89 3.48 -16.07 -10.00
N TYR B 90 2.90 -14.89 -10.23
CA TYR B 90 1.67 -14.51 -9.54
C TYR B 90 0.56 -15.53 -9.70
N ASN B 91 0.02 -16.01 -8.58
CA ASN B 91 -0.95 -17.11 -8.62
C ASN B 91 -2.37 -16.61 -8.38
N TRP B 92 -2.99 -16.12 -9.46
CA TRP B 92 -4.35 -15.66 -9.40
C TRP B 92 -5.32 -16.85 -9.35
N ARG B 93 -4.81 -18.04 -9.70
CA ARG B 93 -5.76 -19.17 -9.74
C ARG B 93 -6.19 -19.67 -8.37
N GLU B 94 -5.26 -19.59 -7.42
CA GLU B 94 -5.55 -20.18 -6.13
C GLU B 94 -5.60 -19.21 -4.97
N ASN B 95 -4.42 -18.66 -4.64
CA ASN B 95 -4.30 -17.99 -3.35
C ASN B 95 -3.65 -16.61 -3.47
N LEU B 96 -3.48 -16.04 -4.65
CA LEU B 96 -2.85 -14.71 -4.73
C LEU B 96 -1.39 -14.71 -4.28
N ASP B 97 -0.73 -15.86 -4.28
CA ASP B 97 0.70 -15.94 -4.00
C ASP B 97 1.47 -14.99 -4.93
N ARG B 98 2.46 -14.26 -4.45
CA ARG B 98 3.28 -13.34 -5.21
C ARG B 98 2.40 -12.25 -5.85
N ASP B 99 1.54 -11.63 -5.04
CA ASP B 99 0.59 -10.61 -5.48
C ASP B 99 1.30 -9.27 -5.58
N ILE B 100 2.02 -9.10 -6.69
CA ILE B 100 2.87 -7.90 -6.77
C ILE B 100 3.03 -7.47 -8.22
N ALA B 101 3.06 -6.17 -8.51
CA ALA B 101 3.23 -5.70 -9.88
C ALA B 101 3.96 -4.36 -9.84
N LEU B 102 4.70 -4.01 -10.87
CA LEU B 102 5.38 -2.71 -10.94
C LEU B 102 4.84 -1.93 -12.12
N MET B 103 4.85 -0.61 -11.99
CA MET B 103 4.42 0.23 -13.11
C MET B 103 5.49 1.30 -13.31
N LYS B 104 6.02 1.40 -14.52
CA LYS B 104 6.98 2.47 -14.87
C LYS B 104 6.17 3.67 -15.36
N LEU B 105 6.46 4.91 -14.96
CA LEU B 105 5.68 6.03 -15.48
C LEU B 105 6.35 6.60 -16.74
N LYS B 106 5.51 7.23 -17.56
CA LYS B 106 6.02 7.79 -18.81
C LYS B 106 7.08 8.83 -18.49
N LYS B 107 6.84 9.64 -17.46
CA LYS B 107 7.82 10.62 -17.05
C LYS B 107 7.98 10.66 -15.53
N PRO B 108 9.18 11.02 -15.09
CA PRO B 108 9.46 11.19 -13.66
C PRO B 108 8.52 12.20 -13.03
N VAL B 109 8.01 11.89 -11.84
CA VAL B 109 7.16 12.82 -11.10
C VAL B 109 8.08 13.69 -10.23
N ALA B 110 7.63 14.92 -9.99
CA ALA B 110 8.49 15.82 -9.21
C ALA B 110 8.17 15.61 -7.73
N PHE B 111 9.21 15.39 -6.93
CA PHE B 111 8.97 15.28 -5.49
C PHE B 111 8.60 16.67 -4.96
N SER B 112 7.89 16.63 -3.86
CA SER B 112 7.36 17.80 -3.19
C SER B 112 7.04 17.48 -1.74
N ASP B 113 6.36 18.41 -1.05
CA ASP B 113 6.03 18.14 0.34
C ASP B 113 5.03 16.98 0.45
N TYR B 114 4.33 16.77 -0.67
CA TYR B 114 3.25 15.78 -0.62
C TYR B 114 3.57 14.51 -1.40
N ILE B 115 4.68 14.45 -2.11
CA ILE B 115 5.14 13.39 -3.01
C ILE B 115 6.58 13.03 -2.70
N HIS B 116 6.75 11.79 -2.24
CA HIS B 116 8.08 11.34 -1.80
C HIS B 116 8.13 9.81 -1.73
N PRO B 117 9.16 9.19 -2.24
CA PRO B 117 9.18 7.72 -2.30
C PRO B 117 9.45 7.05 -0.95
N VAL B 118 8.92 5.84 -0.76
CA VAL B 118 9.17 5.07 0.45
C VAL B 118 10.37 4.17 0.20
N CYS B 119 11.08 3.70 1.23
CA CYS B 119 12.15 2.74 1.07
C CYS B 119 11.66 1.30 0.90
N LEU B 120 12.45 0.52 0.18
CA LEU B 120 12.21 -0.94 0.15
C LEU B 120 13.21 -1.62 1.08
N PRO B 121 12.78 -2.62 1.84
CA PRO B 121 13.58 -3.21 2.91
C PRO B 121 14.78 -4.04 2.43
N ASP B 122 15.89 -3.88 3.15
CA ASP B 122 17.08 -4.71 2.97
C ASP B 122 16.87 -5.98 3.77
N ARG B 123 17.63 -7.05 3.57
CA ARG B 123 17.33 -8.24 4.36
C ARG B 123 17.40 -8.00 5.86
N GLU B 124 18.22 -7.04 6.29
CA GLU B 124 18.39 -6.90 7.75
C GLU B 124 17.24 -6.14 8.38
N THR B 125 16.78 -5.06 7.74
CA THR B 125 15.60 -4.36 8.26
C THR B 125 14.39 -5.30 8.32
N ALA B 126 14.28 -6.15 7.29
CA ALA B 126 13.19 -7.11 7.28
C ALA B 126 13.26 -8.05 8.47
N ALA B 127 14.45 -8.60 8.72
CA ALA B 127 14.50 -9.61 9.79
C ALA B 127 14.18 -8.95 11.11
N SER B 128 14.70 -7.72 11.22
CA SER B 128 14.49 -7.00 12.46
C SER B 128 13.04 -6.60 12.70
N LEU B 129 12.35 -6.20 11.64
CA LEU B 129 11.03 -5.59 11.84
C LEU B 129 9.86 -6.53 11.66
N LEU B 130 10.05 -7.54 10.82
CA LEU B 130 8.90 -8.42 10.55
C LEU B 130 8.75 -9.49 11.62
N GLN B 131 8.27 -9.08 12.79
CA GLN B 131 8.17 -9.90 13.99
C GLN B 131 6.76 -9.82 14.53
N ALA B 132 6.19 -10.95 14.96
CA ALA B 132 4.83 -10.93 15.48
C ALA B 132 4.71 -9.87 16.58
N GLY B 133 3.69 -9.04 16.55
CA GLY B 133 3.53 -8.03 17.59
C GLY B 133 4.08 -6.68 17.18
N TYR B 134 5.07 -6.62 16.30
CA TYR B 134 5.50 -5.32 15.77
C TYR B 134 4.40 -4.73 14.91
N LYS B 135 4.15 -3.43 15.01
CA LYS B 135 3.09 -2.82 14.23
C LYS B 135 3.65 -2.14 12.97
N GLY B 136 2.86 -2.28 11.92
CA GLY B 136 3.03 -1.50 10.70
C GLY B 136 1.77 -0.61 10.58
N ARG B 137 1.76 0.15 9.50
CA ARG B 137 0.75 1.13 9.14
C ARG B 137 0.19 0.88 7.74
N VAL B 138 -1.13 0.89 7.62
CA VAL B 138 -1.74 0.65 6.29
C VAL B 138 -2.53 1.89 5.90
N THR B 139 -2.51 2.30 4.62
CA THR B 139 -3.22 3.50 4.23
C THR B 139 -4.04 3.24 2.98
N GLY B 140 -5.17 3.97 2.84
CA GLY B 140 -5.86 3.79 1.56
C GLY B 140 -7.19 4.53 1.54
N TRP B 141 -7.79 4.55 0.35
CA TRP B 141 -9.11 5.15 0.22
C TRP B 141 -10.22 4.10 0.08
N GLY B 142 -10.01 2.86 0.53
CA GLY B 142 -11.01 1.81 0.40
C GLY B 142 -12.19 1.95 1.32
N ASN B 143 -13.12 0.98 1.21
CA ASN B 143 -14.31 1.01 2.05
C ASN B 143 -14.00 1.17 3.53
N LEU B 144 -14.90 1.87 4.22
CA LEU B 144 -14.80 2.10 5.66
C LEU B 144 -15.45 0.98 6.45
N LYS B 145 -16.23 0.21 5.67
CA LYS B 145 -16.87 -0.98 6.24
C LYS B 145 -17.04 -2.04 5.14
N GLU B 146 -17.22 -3.26 5.58
CA GLU B 146 -17.26 -4.45 4.75
C GLU B 146 -18.29 -4.40 3.62
N GLY B 155 -19.43 4.20 4.39
CA GLY B 155 -19.17 3.71 3.03
C GLY B 155 -17.73 3.92 2.58
N GLN B 156 -17.51 5.09 2.01
CA GLN B 156 -16.22 5.56 1.53
C GLN B 156 -15.83 6.86 2.21
N PRO B 157 -14.52 7.01 2.40
CA PRO B 157 -13.96 8.15 3.12
C PRO B 157 -13.87 9.39 2.27
N SER B 158 -13.88 10.56 2.92
CA SER B 158 -13.61 11.79 2.20
C SER B 158 -12.11 11.99 1.95
N VAL B 159 -11.28 11.42 2.86
CA VAL B 159 -9.84 11.60 2.71
C VAL B 159 -9.11 10.29 3.06
N LEU B 160 -7.84 10.28 2.75
CA LEU B 160 -6.99 9.10 3.00
C LEU B 160 -7.16 8.60 4.43
N GLN B 161 -7.27 7.30 4.60
CA GLN B 161 -7.44 6.77 5.95
C GLN B 161 -6.16 6.04 6.40
N VAL B 162 -5.90 5.98 7.69
CA VAL B 162 -4.73 5.29 8.22
CA VAL B 162 -4.74 5.26 8.20
C VAL B 162 -5.10 4.34 9.35
N VAL B 163 -4.41 3.23 9.46
CA VAL B 163 -4.64 2.35 10.64
C VAL B 163 -3.31 1.67 10.97
N ASN B 164 -2.96 1.58 12.24
CA ASN B 164 -1.75 0.85 12.65
C ASN B 164 -2.13 -0.54 13.15
N LEU B 165 -1.44 -1.57 12.70
CA LEU B 165 -1.84 -2.95 12.96
C LEU B 165 -0.67 -3.86 13.25
N PRO B 166 -0.77 -4.75 14.22
CA PRO B 166 0.35 -5.60 14.56
C PRO B 166 0.49 -6.82 13.65
N ILE B 167 1.72 -7.19 13.34
CA ILE B 167 1.99 -8.40 12.56
C ILE B 167 1.57 -9.62 13.39
N VAL B 168 1.00 -10.61 12.74
CA VAL B 168 0.47 -11.79 13.47
C VAL B 168 1.35 -13.01 13.26
N GLU B 169 1.45 -13.85 14.31
CA GLU B 169 2.24 -15.08 14.19
C GLU B 169 1.74 -15.97 13.06
N ARG B 170 2.65 -16.59 12.34
CA ARG B 170 2.33 -17.39 11.18
C ARG B 170 1.33 -18.52 11.52
N PRO B 171 1.48 -19.25 12.61
CA PRO B 171 0.47 -20.28 12.94
C PRO B 171 -0.91 -19.70 13.12
N VAL B 172 -1.00 -18.48 13.65
CA VAL B 172 -2.29 -17.85 13.89
C VAL B 172 -2.89 -17.44 12.54
N CYS B 173 -2.05 -16.90 11.65
CA CYS B 173 -2.50 -16.53 10.31
C CYS B 173 -3.09 -17.76 9.60
N LYS B 174 -2.38 -18.87 9.62
CA LYS B 174 -2.83 -20.07 8.91
C LYS B 174 -4.12 -20.63 9.50
N ASP B 175 -4.27 -20.54 10.80
CA ASP B 175 -5.39 -21.21 11.48
C ASP B 175 -6.64 -20.38 11.36
N SER B 176 -6.48 -19.17 10.78
CA SER B 176 -7.62 -18.29 10.68
C SER B 176 -8.33 -18.41 9.33
N THR B 177 -7.76 -19.25 8.46
CA THR B 177 -8.26 -19.28 7.08
C THR B 177 -8.20 -20.66 6.47
N ARG B 178 -8.95 -20.86 5.39
CA ARG B 178 -8.89 -22.10 4.63
C ARG B 178 -7.96 -21.91 3.42
N ILE B 179 -7.51 -20.68 3.20
CA ILE B 179 -6.63 -20.38 2.07
C ILE B 179 -5.23 -20.93 2.31
N ARG B 180 -4.57 -21.47 1.29
CA ARG B 180 -3.21 -21.94 1.56
C ARG B 180 -2.27 -20.74 1.65
N ILE B 181 -1.74 -20.44 2.83
CA ILE B 181 -0.80 -19.33 3.04
C ILE B 181 0.62 -19.69 2.63
N THR B 182 1.36 -18.76 2.03
CA THR B 182 2.71 -19.02 1.59
C THR B 182 3.71 -18.10 2.33
N ASP B 183 5.00 -18.40 2.18
CA ASP B 183 6.06 -17.58 2.73
C ASP B 183 6.09 -16.20 2.09
N ASN B 184 5.41 -16.00 0.95
CA ASN B 184 5.38 -14.68 0.32
C ASN B 184 4.23 -13.84 0.82
N MET B 185 3.60 -14.23 1.93
CA MET B 185 2.53 -13.46 2.56
C MET B 185 2.82 -13.30 4.04
N PHE B 186 2.24 -12.29 4.66
CA PHE B 186 2.18 -12.23 6.12
C PHE B 186 0.80 -11.67 6.47
N CYS B 187 0.36 -11.86 7.72
CA CYS B 187 -0.93 -11.27 8.05
C CYS B 187 -0.74 -10.34 9.25
N ALA B 188 -1.66 -9.42 9.42
CA ALA B 188 -1.61 -8.40 10.47
C ALA B 188 -3.00 -8.05 10.96
N GLY B 189 -3.13 -7.58 12.20
CA GLY B 189 -4.44 -7.21 12.73
C GLY B 189 -4.53 -7.65 14.19
N TYR B 190 -5.53 -7.12 14.90
CA TYR B 190 -5.67 -7.53 16.30
C TYR B 190 -6.51 -8.79 16.44
N LYS B 191 -6.24 -9.50 17.51
CA LYS B 191 -7.05 -10.65 17.93
C LYS B 191 -8.28 -10.14 18.64
N PRO B 192 -9.35 -10.94 18.68
CA PRO B 192 -10.58 -10.47 19.33
C PRO B 192 -10.34 -10.11 20.79
N ASP B 193 -9.40 -10.82 21.40
CA ASP B 193 -9.08 -10.61 22.80
C ASP B 193 -8.31 -9.33 23.09
N GLU B 194 -7.92 -8.56 22.08
CA GLU B 194 -6.99 -7.45 22.27
C GLU B 194 -7.66 -6.09 22.40
N GLY B 195 -8.98 -6.02 22.26
CA GLY B 195 -9.72 -4.81 22.50
C GLY B 195 -9.55 -3.66 21.56
N LYS B 196 -8.72 -3.80 20.52
CA LYS B 196 -8.55 -2.81 19.46
C LYS B 196 -8.93 -3.44 18.12
N ARG B 197 -9.33 -2.66 17.12
CA ARG B 197 -9.56 -3.38 15.85
C ARG B 197 -9.03 -2.55 14.66
N GLY B 198 -9.43 -2.89 13.44
CA GLY B 198 -9.03 -2.14 12.27
C GLY B 198 -8.52 -3.08 11.18
N ASP B 199 -8.66 -2.69 9.93
CA ASP B 199 -8.26 -3.62 8.86
C ASP B 199 -8.27 -2.81 7.57
N ALA B 200 -7.59 -3.34 6.56
CA ALA B 200 -7.78 -2.85 5.22
C ALA B 200 -9.09 -3.45 4.66
N CYS B 201 -9.49 -2.97 3.50
CA CYS B 201 -10.72 -3.47 2.87
C CYS B 201 -10.68 -3.29 1.36
N GLU B 202 -11.68 -3.73 0.61
CA GLU B 202 -11.74 -3.47 -0.82
C GLU B 202 -11.46 -2.00 -1.15
N GLY B 203 -10.65 -1.73 -2.15
CA GLY B 203 -10.22 -0.41 -2.56
C GLY B 203 -8.86 -0.03 -1.94
N ASP B 204 -8.49 -0.73 -0.88
CA ASP B 204 -7.19 -0.50 -0.22
C ASP B 204 -6.11 -1.33 -0.89
N SER B 205 -6.62 -2.31 -1.66
CA SER B 205 -5.74 -3.20 -2.41
C SER B 205 -4.58 -2.49 -3.09
N GLY B 206 -3.39 -3.09 -3.03
CA GLY B 206 -2.25 -2.50 -3.69
C GLY B 206 -1.50 -1.48 -2.87
N GLY B 207 -2.14 -0.89 -1.85
CA GLY B 207 -1.48 0.13 -1.04
C GLY B 207 -0.45 -0.51 -0.10
N PRO B 208 0.36 0.34 0.53
CA PRO B 208 1.48 -0.11 1.35
C PRO B 208 1.18 -0.38 2.82
N PHE B 209 1.87 -1.38 3.37
CA PHE B 209 1.99 -1.62 4.81
C PHE B 209 3.41 -1.16 5.14
N VAL B 210 3.52 -0.10 5.94
CA VAL B 210 4.88 0.44 6.15
C VAL B 210 5.27 0.34 7.62
N MET B 211 6.58 0.30 7.86
CA MET B 211 7.09 0.37 9.24
C MET B 211 8.18 1.42 9.34
N LYS B 212 8.29 2.08 10.50
CA LYS B 212 9.38 3.08 10.60
C LYS B 212 10.57 2.43 11.31
N SER B 213 11.68 2.30 10.58
CA SER B 213 12.84 1.66 11.20
C SER B 213 13.30 2.44 12.43
N PRO B 214 13.49 1.80 13.58
CA PRO B 214 14.03 2.53 14.74
C PRO B 214 15.54 2.75 14.65
N PHE B 215 16.15 2.16 13.64
CA PHE B 215 17.59 2.23 13.45
C PHE B 215 18.01 3.47 12.69
N ASN B 216 17.22 3.82 11.65
CA ASN B 216 17.58 4.99 10.85
C ASN B 216 16.43 5.97 10.64
N ASN B 217 15.31 5.69 11.28
CA ASN B 217 14.14 6.55 11.30
C ASN B 217 13.58 6.78 9.91
N ARG B 218 13.70 5.78 9.05
CA ARG B 218 13.15 5.84 7.70
C ARG B 218 11.98 4.87 7.53
N TRP B 219 11.00 5.25 6.70
CA TRP B 219 9.85 4.38 6.47
C TRP B 219 10.16 3.36 5.38
N TYR B 220 9.81 2.10 5.67
CA TYR B 220 10.04 1.03 4.72
C TYR B 220 8.72 0.37 4.35
N GLN B 221 8.56 -0.01 3.08
CA GLN B 221 7.36 -0.77 2.76
C GLN B 221 7.58 -2.27 2.90
N MET B 222 6.96 -2.83 3.95
CA MET B 222 7.14 -4.26 4.23
C MET B 222 6.08 -5.08 3.51
N GLY B 223 4.90 -4.48 3.22
CA GLY B 223 3.86 -5.32 2.61
C GLY B 223 3.04 -4.52 1.60
N ILE B 224 2.25 -5.29 0.86
CA ILE B 224 1.27 -4.73 -0.07
C ILE B 224 -0.09 -5.28 0.29
N VAL B 225 -1.13 -4.44 0.39
CA VAL B 225 -2.44 -4.95 0.75
C VAL B 225 -2.92 -5.96 -0.30
N SER B 226 -3.18 -7.18 0.12
CA SER B 226 -3.46 -8.24 -0.85
C SER B 226 -4.81 -8.85 -0.71
N TRP B 227 -5.20 -9.42 0.43
CA TRP B 227 -6.49 -10.10 0.47
C TRP B 227 -6.96 -10.28 1.90
N GLY B 228 -8.21 -10.66 2.06
CA GLY B 228 -8.77 -10.89 3.38
C GLY B 228 -10.16 -11.52 3.17
N GLU B 229 -10.75 -11.96 4.26
CA GLU B 229 -12.07 -12.59 4.27
CA GLU B 229 -12.07 -12.58 4.25
C GLU B 229 -13.02 -11.62 4.95
N GLY B 230 -13.78 -10.89 4.14
CA GLY B 230 -14.56 -9.78 4.71
C GLY B 230 -13.56 -8.72 5.19
N CYS B 231 -13.99 -7.81 6.06
CA CYS B 231 -13.09 -6.75 6.51
C CYS B 231 -13.28 -6.56 8.02
N ASP B 232 -12.18 -6.57 8.77
CA ASP B 232 -12.26 -6.31 10.21
C ASP B 232 -13.20 -7.29 10.91
N ARG B 233 -13.33 -8.50 10.37
CA ARG B 233 -14.00 -9.55 11.11
C ARG B 233 -13.17 -10.04 12.28
N ASP B 234 -13.85 -10.25 13.41
CA ASP B 234 -13.25 -10.95 14.55
C ASP B 234 -12.70 -12.30 14.08
N GLY B 235 -11.49 -12.61 14.52
CA GLY B 235 -10.78 -13.82 14.27
C GLY B 235 -10.21 -13.97 12.86
N LYS B 236 -10.44 -12.97 12.01
CA LYS B 236 -9.80 -12.93 10.69
C LYS B 236 -8.72 -11.82 10.69
N TYR B 237 -7.79 -11.95 9.76
CA TYR B 237 -6.65 -11.06 9.62
C TYR B 237 -6.48 -10.58 8.19
N GLY B 238 -5.89 -9.39 8.02
CA GLY B 238 -5.56 -8.97 6.66
C GLY B 238 -4.26 -9.61 6.19
N PHE B 239 -4.24 -9.94 4.88
CA PHE B 239 -3.06 -10.57 4.33
C PHE B 239 -2.34 -9.62 3.37
N TYR B 240 -1.02 -9.63 3.46
CA TYR B 240 -0.16 -8.72 2.72
C TYR B 240 0.93 -9.45 1.97
N THR B 241 1.23 -9.02 0.75
CA THR B 241 2.37 -9.52 -0.01
C THR B 241 3.66 -9.16 0.71
N HIS B 242 4.54 -10.12 0.87
CA HIS B 242 5.82 -9.88 1.57
C HIS B 242 6.85 -9.29 0.63
N VAL B 243 7.06 -7.96 0.73
CA VAL B 243 7.84 -7.26 -0.26
C VAL B 243 9.28 -7.77 -0.28
N PHE B 244 9.89 -7.96 0.88
CA PHE B 244 11.30 -8.37 0.90
C PHE B 244 11.50 -9.70 0.18
N ARG B 245 10.54 -10.61 0.35
CA ARG B 245 10.67 -11.90 -0.34
C ARG B 245 10.67 -11.78 -1.85
N LEU B 246 10.14 -10.69 -2.43
CA LEU B 246 10.02 -10.64 -3.89
C LEU B 246 10.94 -9.58 -4.45
N LYS B 247 11.88 -9.14 -3.62
CA LYS B 247 12.76 -8.02 -3.92
C LYS B 247 13.65 -8.31 -5.13
N LYS B 248 14.05 -9.57 -5.24
CA LYS B 248 14.92 -9.99 -6.34
C LYS B 248 14.25 -9.71 -7.67
N TRP B 249 12.96 -10.03 -7.73
CA TRP B 249 12.17 -9.75 -8.91
C TRP B 249 12.05 -8.25 -9.12
N ILE B 250 11.82 -7.50 -8.03
CA ILE B 250 11.70 -6.04 -8.12
C ILE B 250 12.98 -5.41 -8.69
N GLN B 251 14.13 -5.79 -8.15
CA GLN B 251 15.37 -5.19 -8.61
C GLN B 251 15.67 -5.54 -10.06
N LYS B 252 15.40 -6.81 -10.36
CA LYS B 252 15.65 -7.34 -11.70
C LYS B 252 14.82 -6.57 -12.70
N VAL B 253 13.57 -6.25 -12.31
CA VAL B 253 12.75 -5.51 -13.26
C VAL B 253 13.27 -4.10 -13.47
N ILE B 254 13.60 -3.43 -12.35
CA ILE B 254 14.11 -2.06 -12.46
C ILE B 254 15.50 -2.07 -13.06
N ASP B 255 16.34 -3.03 -12.71
CA ASP B 255 17.67 -3.11 -13.29
C ASP B 255 17.65 -3.42 -14.79
N GLN B 256 16.63 -4.13 -15.25
CA GLN B 256 16.49 -4.51 -16.65
C GLN B 256 15.81 -3.42 -17.45
N PHE B 257 14.82 -2.73 -16.87
CA PHE B 257 14.11 -1.73 -17.66
C PHE B 257 14.23 -0.32 -17.07
N GLY B 258 15.28 -0.04 -16.32
CA GLY B 258 15.52 1.30 -15.80
C GLY B 258 14.42 1.77 -14.85
N GLY C 1 -18.49 7.91 -9.95
CA GLY C 1 -19.63 8.79 -10.12
C GLY C 1 -19.45 10.11 -9.37
N ASP C 2 -18.80 10.05 -8.20
CA ASP C 2 -18.62 11.26 -7.42
C ASP C 2 -17.16 11.71 -7.42
N PHE C 3 -16.44 11.39 -8.50
CA PHE C 3 -15.08 11.86 -8.66
C PHE C 3 -15.07 13.16 -9.46
N GLU C 4 -14.54 14.21 -8.83
CA GLU C 4 -14.36 15.44 -9.56
C GLU C 4 -13.55 15.15 -10.82
N GLU C 5 -13.86 15.89 -11.86
CA GLU C 5 -13.28 15.87 -13.19
C GLU C 5 -11.80 16.19 -13.20
N ILE C 6 -11.00 15.42 -13.93
CA ILE C 6 -9.57 15.73 -13.98
C ILE C 6 -9.30 16.47 -15.28
N PRO C 7 -8.30 17.34 -15.25
CA PRO C 7 -7.96 18.11 -16.44
C PRO C 7 -7.78 17.23 -17.67
N GLU C 8 -8.52 17.63 -18.71
CA GLU C 8 -8.62 16.96 -19.98
C GLU C 8 -7.27 16.51 -20.50
N GLU C 9 -6.25 17.33 -20.23
CA GLU C 9 -4.88 17.01 -20.64
C GLU C 9 -4.56 15.59 -20.21
N TYS C 10 -4.91 15.29 -18.95
CA TYS C 10 -4.61 13.87 -18.59
CB TYS C 10 -4.68 13.69 -17.08
CG TYS C 10 -3.88 14.76 -16.37
CD1 TYS C 10 -2.46 14.80 -16.47
CD2 TYS C 10 -4.55 15.63 -15.50
CE1 TYS C 10 -1.76 15.83 -15.81
CE2 TYS C 10 -3.82 16.64 -14.83
CZ TYS C 10 -2.42 16.73 -14.94
OH TYS C 10 -1.71 17.68 -14.27
S TYS C 10 -1.41 17.47 -12.75
O1 TYS C 10 -0.17 16.62 -12.90
O2 TYS C 10 -0.95 18.80 -12.44
O3 TYS C 10 -2.59 17.00 -12.10
C TYS C 10 -5.57 12.86 -19.22
O TYS C 10 -5.22 11.67 -19.20
C37 33U D . -12.32 -15.60 -0.71
C26 33U D . -13.13 -16.65 -0.22
C25 33U D . -12.75 -17.34 0.92
C34 33U D . -11.56 -17.02 1.59
C23 33U D . -10.76 -15.98 1.11
C7 33U D . -11.14 -15.28 -0.04
C8 33U D . -10.30 -14.12 -0.64
C9 33U D . -11.10 -12.94 -1.27
C10 33U D . -10.11 -11.87 -1.70
O32 33U D . -9.58 -11.24 -0.79
N2 33U D . -12.16 -12.40 -0.36
C1 33U D . -9.29 -14.71 -1.66
C6 33U D . -9.71 -15.16 -2.92
C5 33U D . -8.75 -15.68 -3.80
C4 33U D . -7.41 -15.77 -3.46
C3 33U D . -7.00 -15.33 -2.20
C2 33U D . -7.95 -14.81 -1.32
N1 33U D . -9.80 -11.59 -3.00
C14 33U D . -8.82 -10.55 -3.29
C15 33U D . -9.39 -9.24 -2.74
O22 33U D . -10.59 -9.05 -2.86
C13 33U D . -8.90 -10.46 -4.85
C12 33U D . -9.48 -11.84 -5.22
C11 33U D . -10.60 -12.03 -4.15
N23 33U D . -8.50 -8.39 -2.19
C16 33U D . -9.07 -7.09 -1.74
C17 33U D . -8.91 -7.06 -0.22
C22 33U D . -9.83 -7.73 0.56
C21 33U D . -9.76 -7.75 1.96
C24 33U D . -8.72 -7.07 2.60
C27 33U D . -8.67 -7.10 4.12
N35 33U D . -9.77 -7.39 4.84
N34 33U D . -7.57 -6.85 4.72
C19 33U D . -7.79 -6.38 1.83
C18 33U D . -7.87 -6.36 0.43
NA NA E . -10.01 -9.26 12.39
NA NA F . -5.93 -23.04 7.88
#